data_4K45
#
_entry.id   4K45
#
_cell.length_a   29.013
_cell.length_b   54.506
_cell.length_c   59.865
_cell.angle_alpha   90.00
_cell.angle_beta   90.00
_cell.angle_gamma   90.00
#
_symmetry.space_group_name_H-M   'P 21 21 21'
#
loop_
_entity.id
_entity.type
_entity.pdbx_description
1 polymer '1-phosphatidylinositol 4,5-bisphosphate phosphodiesterase gamma-1'
2 polymer '1-phosphatidylinositol 4,5-bisphosphate phosphodiesterase gamma-1, short peptide'
3 water water
#
loop_
_entity_poly.entity_id
_entity_poly.type
_entity_poly.pdbx_seq_one_letter_code
_entity_poly.pdbx_strand_id
1 'polypeptide(L)'
;SQAESKEWYHASLTRAQAEHMLMRVPRDGAFLVRKRNEPNSYAISFRAEGKIKHCRVQQEGQTVMLGNSEFDSLVDLISY
YEKHPLYRKMKLRYPINEEALEKIGT
;
A
2 'polypeptide(L)' DYGALYEGRNPGF(PTR)VEAN B
#
# COMPACT_ATOMS: atom_id res chain seq x y z
N GLN A 2 13.51 5.81 -3.76
CA GLN A 2 14.16 4.74 -3.04
C GLN A 2 13.24 3.55 -2.68
N ALA A 3 11.90 3.70 -2.72
CA ALA A 3 11.01 2.53 -2.54
C ALA A 3 11.25 1.58 -3.71
N GLU A 4 11.18 0.28 -3.46
CA GLU A 4 11.47 -0.73 -4.51
C GLU A 4 10.26 -1.59 -4.77
N SER A 5 9.70 -1.50 -5.99
CA SER A 5 8.46 -2.13 -6.21
C SER A 5 8.54 -3.61 -5.95
N LYS A 6 9.69 -4.24 -6.23
CA LYS A 6 9.71 -5.69 -6.14
C LYS A 6 9.43 -6.15 -4.72
N GLU A 7 9.71 -5.31 -3.73
CA GLU A 7 9.51 -5.75 -2.33
C GLU A 7 8.08 -5.63 -1.87
N TRP A 8 7.25 -4.84 -2.52
CA TRP A 8 5.89 -4.65 -2.04
C TRP A 8 4.81 -4.86 -3.10
N TYR A 9 5.16 -4.95 -4.38
CA TYR A 9 4.13 -4.95 -5.42
C TYR A 9 3.70 -6.34 -5.81
N HIS A 10 2.36 -6.47 -5.91
CA HIS A 10 1.71 -7.71 -6.33
C HIS A 10 0.76 -7.34 -7.49
N ALA A 11 0.98 -7.88 -8.68
CA ALA A 11 0.11 -7.63 -9.83
C ALA A 11 -1.23 -8.35 -9.73
N SER A 12 -1.22 -9.46 -9.01
CA SER A 12 -2.33 -10.38 -8.93
C SER A 12 -2.43 -10.82 -7.48
N LEU A 13 -3.31 -10.16 -6.75
CA LEU A 13 -3.52 -10.48 -5.33
C LEU A 13 -4.81 -9.84 -4.86
N THR A 14 -5.70 -10.61 -4.25
CA THR A 14 -6.94 -10.02 -3.79
C THR A 14 -6.81 -9.35 -2.43
N ARG A 15 -7.86 -8.62 -2.08
CA ARG A 15 -7.98 -8.02 -0.76
C ARG A 15 -7.86 -9.09 0.36
N ALA A 16 -8.58 -10.22 0.22
CA ALA A 16 -8.53 -11.26 1.23
C ALA A 16 -7.12 -11.84 1.34
N GLN A 17 -6.45 -12.04 0.20
CA GLN A 17 -5.10 -12.57 0.25
C GLN A 17 -4.14 -11.59 0.91
N ALA A 18 -4.30 -10.31 0.62
CA ALA A 18 -3.47 -9.29 1.27
C ALA A 18 -3.68 -9.31 2.77
N GLU A 19 -4.93 -9.43 3.19
CA GLU A 19 -5.21 -9.48 4.62
C GLU A 19 -4.58 -10.69 5.25
N HIS A 20 -4.69 -11.85 4.61
CA HIS A 20 -4.07 -13.05 5.18
C HIS A 20 -2.54 -12.88 5.34
N MET A 21 -1.90 -12.23 4.37
CA MET A 21 -0.46 -11.94 4.46
C MET A 21 -0.14 -10.99 5.59
N LEU A 22 -0.94 -9.92 5.71
CA LEU A 22 -0.64 -8.91 6.71
C LEU A 22 -0.93 -9.36 8.13
N MET A 23 -1.84 -10.31 8.29
CA MET A 23 -2.06 -10.90 9.63
C MET A 23 -0.85 -11.58 10.21
N ARG A 24 0.07 -11.96 9.34
CA ARG A 24 1.25 -12.73 9.75
C ARG A 24 2.41 -11.87 10.25
N VAL A 25 2.30 -10.55 10.09
CA VAL A 25 3.38 -9.67 10.50
C VAL A 25 2.73 -8.53 11.28
N PRO A 26 2.57 -8.70 12.59
CA PRO A 26 1.78 -7.75 13.38
C PRO A 26 2.50 -6.46 13.76
N ARG A 27 2.90 -5.72 12.73
CA ARG A 27 3.63 -4.48 12.88
C ARG A 27 2.92 -3.39 12.12
N ASP A 28 2.53 -2.33 12.83
CA ASP A 28 1.99 -1.18 12.15
C ASP A 28 3.05 -0.65 11.21
N GLY A 29 2.58 -0.22 10.05
CA GLY A 29 3.53 0.19 9.02
C GLY A 29 3.87 -0.93 8.02
N ALA A 30 3.50 -2.19 8.32
CA ALA A 30 3.63 -3.25 7.30
C ALA A 30 2.67 -2.96 6.17
N PHE A 31 3.11 -3.20 4.95
CA PHE A 31 2.23 -2.90 3.84
C PHE A 31 2.59 -3.66 2.58
N LEU A 32 1.63 -3.72 1.66
CA LEU A 32 1.90 -4.16 0.28
C LEU A 32 1.03 -3.34 -0.64
N VAL A 33 1.31 -3.43 -1.96
CA VAL A 33 0.52 -2.73 -2.95
C VAL A 33 0.07 -3.74 -3.97
N ARG A 34 -1.19 -3.65 -4.38
CA ARG A 34 -1.76 -4.61 -5.31
C ARG A 34 -2.53 -3.91 -6.40
N LYS A 35 -2.44 -4.42 -7.62
CA LYS A 35 -3.26 -3.94 -8.69
C LYS A 35 -4.67 -4.41 -8.38
N ARG A 36 -5.64 -3.53 -8.64
CA ARG A 36 -7.03 -3.95 -8.49
C ARG A 36 -7.61 -4.32 -9.85
N ASN A 37 -8.72 -5.09 -9.87
CA ASN A 37 -9.29 -5.48 -11.18
C ASN A 37 -10.33 -4.48 -11.67
C ASN A 37 -9.85 -4.29 -12.03
N GLU A 38 -10.12 -3.20 -11.34
CA GLU A 38 -10.67 -2.01 -12.00
C GLU A 38 -9.49 -1.33 -12.75
N PRO A 39 -9.71 -0.79 -13.94
CA PRO A 39 -8.57 -0.23 -14.66
C PRO A 39 -7.99 0.97 -13.93
N ASN A 40 -6.68 1.16 -14.08
CA ASN A 40 -6.01 2.38 -13.54
C ASN A 40 -6.22 2.55 -12.04
N SER A 41 -6.20 1.42 -11.33
CA SER A 41 -6.46 1.41 -9.89
C SER A 41 -5.54 0.47 -9.15
N TYR A 42 -5.01 0.92 -8.02
CA TYR A 42 -4.27 0.07 -7.08
C TYR A 42 -4.87 0.18 -5.70
N ALA A 43 -4.54 -0.79 -4.85
CA ALA A 43 -4.78 -0.62 -3.40
C ALA A 43 -3.45 -0.71 -2.65
N ILE A 44 -3.29 0.13 -1.65
CA ILE A 44 -2.27 -0.08 -0.62
C ILE A 44 -2.98 -0.75 0.53
N SER A 45 -2.50 -1.94 0.91
CA SER A 45 -3.06 -2.69 2.05
C SER A 45 -2.01 -2.57 3.12
N PHE A 46 -2.40 -2.12 4.30
CA PHE A 46 -1.38 -1.81 5.31
C PHE A 46 -1.94 -2.02 6.72
N ARG A 47 -1.02 -2.06 7.69
CA ARG A 47 -1.39 -2.12 9.10
C ARG A 47 -1.25 -0.76 9.75
N ALA A 48 -2.31 -0.32 10.41
CA ALA A 48 -2.23 0.90 11.22
C ALA A 48 -3.15 0.70 12.39
N GLU A 49 -2.76 1.20 13.56
CA GLU A 49 -3.59 1.07 14.79
C GLU A 49 -3.94 -0.38 15.13
N GLY A 50 -3.03 -1.29 14.78
CA GLY A 50 -3.17 -2.73 15.07
C GLY A 50 -4.17 -3.41 14.17
N LYS A 51 -4.63 -2.72 13.13
CA LYS A 51 -5.67 -3.21 12.23
C LYS A 51 -5.21 -3.17 10.77
N ILE A 52 -5.87 -3.93 9.91
CA ILE A 52 -5.54 -3.95 8.49
C ILE A 52 -6.53 -3.04 7.77
N LYS A 53 -5.98 -2.12 6.98
CA LYS A 53 -6.76 -1.15 6.22
C LYS A 53 -6.29 -1.11 4.77
N HIS A 54 -7.12 -0.52 3.91
CA HIS A 54 -6.83 -0.47 2.50
C HIS A 54 -7.19 0.91 1.99
N CYS A 55 -6.33 1.47 1.14
CA CYS A 55 -6.66 2.72 0.42
C CYS A 55 -6.48 2.55 -1.05
N ARG A 56 -7.31 3.23 -1.82
CA ARG A 56 -7.19 3.21 -3.24
C ARG A 56 -6.24 4.29 -3.76
N VAL A 57 -5.50 3.93 -4.80
CA VAL A 57 -4.65 4.86 -5.56
C VAL A 57 -5.18 4.88 -6.99
N GLN A 58 -5.47 6.08 -7.50
CA GLN A 58 -6.04 6.24 -8.82
C GLN A 58 -4.99 6.69 -9.82
N GLN A 59 -4.87 5.99 -10.93
CA GLN A 59 -4.06 6.43 -12.05
C GLN A 59 -4.87 7.36 -12.94
N GLU A 60 -4.26 8.47 -13.33
CA GLU A 60 -4.85 9.32 -14.37
C GLU A 60 -3.70 9.76 -15.28
N GLY A 61 -3.76 9.38 -16.55
CA GLY A 61 -2.62 9.62 -17.43
C GLY A 61 -1.40 8.96 -16.82
N GLN A 62 -0.28 9.70 -16.82
CA GLN A 62 0.99 9.16 -16.33
C GLN A 62 1.20 9.41 -14.87
N THR A 63 0.15 9.82 -14.14
CA THR A 63 0.35 10.07 -12.70
C THR A 63 -0.60 9.23 -11.86
N VAL A 64 -0.20 9.03 -10.61
CA VAL A 64 -1.02 8.34 -9.62
C VAL A 64 -1.40 9.29 -8.53
N MET A 65 -2.63 9.19 -8.04
CA MET A 65 -3.19 10.13 -7.08
C MET A 65 -3.66 9.41 -5.83
N LEU A 66 -3.45 10.06 -4.69
CA LEU A 66 -3.93 9.55 -3.39
C LEU A 66 -4.26 10.74 -2.56
N GLY A 67 -5.54 10.97 -2.26
CA GLY A 67 -5.95 12.18 -1.55
C GLY A 67 -5.46 13.47 -2.22
N ASN A 68 -4.72 14.28 -1.46
CA ASN A 68 -4.20 15.57 -1.88
C ASN A 68 -2.85 15.47 -2.56
N SER A 69 -2.43 14.25 -2.83
CA SER A 69 -1.10 14.05 -3.35
C SER A 69 -1.08 13.38 -4.71
N GLU A 70 -0.02 13.60 -5.48
CA GLU A 70 0.05 13.05 -6.84
C GLU A 70 1.50 12.81 -7.19
N PHE A 71 1.79 11.77 -7.97
CA PHE A 71 3.18 11.38 -8.29
C PHE A 71 3.30 10.83 -9.66
N ASP A 72 4.51 10.96 -10.20
CA ASP A 72 4.86 10.46 -11.51
C ASP A 72 4.84 8.94 -11.64
N SER A 73 4.86 8.24 -10.52
CA SER A 73 4.80 6.77 -10.55
C SER A 73 4.35 6.27 -9.21
N LEU A 74 3.86 5.04 -9.21
CA LEU A 74 3.53 4.35 -7.97
C LEU A 74 4.76 4.21 -7.06
N VAL A 75 5.94 3.89 -7.62
CA VAL A 75 7.15 3.78 -6.82
C VAL A 75 7.42 5.10 -6.13
N ASP A 76 7.22 6.22 -6.83
CA ASP A 76 7.49 7.51 -6.18
C ASP A 76 6.48 7.84 -5.06
N LEU A 77 5.22 7.46 -5.26
CA LEU A 77 4.20 7.61 -4.22
C LEU A 77 4.61 6.83 -2.96
N ILE A 78 5.01 5.57 -3.13
CA ILE A 78 5.38 4.78 -1.98
C ILE A 78 6.62 5.37 -1.31
N SER A 79 7.61 5.78 -2.11
CA SER A 79 8.77 6.45 -1.54
C SER A 79 8.37 7.63 -0.64
N TYR A 80 7.44 8.44 -1.12
CA TYR A 80 7.02 9.62 -0.35
C TYR A 80 6.39 9.17 0.95
N TYR A 81 5.55 8.14 0.94
CA TYR A 81 4.83 7.76 2.14
C TYR A 81 5.63 6.81 3.05
N GLU A 82 6.90 6.52 2.67
CA GLU A 82 7.87 5.98 3.59
C GLU A 82 8.52 7.10 4.43
N LYS A 83 8.41 8.34 3.94
CA LYS A 83 9.04 9.50 4.59
C LYS A 83 8.03 10.45 5.25
N HIS A 84 6.77 10.31 4.88
CA HIS A 84 5.71 11.17 5.38
C HIS A 84 4.54 10.27 5.74
N PRO A 85 3.79 10.64 6.77
CA PRO A 85 2.69 9.75 7.17
C PRO A 85 1.59 9.60 6.13
N LEU A 86 1.12 8.37 6.06
CA LEU A 86 0.06 7.97 5.12
C LEU A 86 -1.28 7.96 5.82
N TYR A 87 -1.30 7.43 7.04
CA TYR A 87 -2.57 7.25 7.74
C TYR A 87 -2.37 7.63 9.21
N ARG A 88 -2.97 8.75 9.62
CA ARG A 88 -2.68 9.36 10.94
C ARG A 88 -1.16 9.52 11.06
N LYS A 89 -0.51 8.89 12.04
CA LYS A 89 0.95 9.03 12.13
C LYS A 89 1.72 7.95 11.43
N MET A 90 1.03 6.92 10.95
CA MET A 90 1.71 5.77 10.41
C MET A 90 2.34 6.08 9.02
N LYS A 91 3.61 5.73 8.88
CA LYS A 91 4.34 5.76 7.60
C LYS A 91 4.44 4.32 7.10
N LEU A 92 4.58 4.15 5.80
CA LEU A 92 4.89 2.83 5.25
C LEU A 92 6.30 2.47 5.66
N ARG A 93 6.46 1.30 6.28
CA ARG A 93 7.74 0.92 6.91
C ARG A 93 8.24 -0.46 6.51
N TYR A 94 7.38 -1.48 6.45
CA TYR A 94 7.84 -2.85 6.22
C TYR A 94 7.13 -3.42 5.01
N PRO A 95 7.82 -3.45 3.86
CA PRO A 95 7.19 -4.04 2.67
C PRO A 95 7.03 -5.53 2.83
N ILE A 96 5.85 -6.02 2.48
CA ILE A 96 5.53 -7.42 2.71
C ILE A 96 5.37 -8.18 1.39
N ASN A 97 6.07 -9.31 1.32
CA ASN A 97 5.96 -10.20 0.18
C ASN A 97 6.16 -11.62 0.69
N GLU A 98 5.89 -12.61 -0.16
CA GLU A 98 6.10 -14.01 0.17
C GLU A 98 7.53 -14.24 0.67
N GLU A 99 8.50 -13.61 0.02
CA GLU A 99 9.90 -13.72 0.41
C GLU A 99 10.12 -13.27 1.85
N ALA A 100 9.63 -12.07 2.18
CA ALA A 100 9.75 -11.51 3.52
C ALA A 100 9.17 -12.46 4.55
N LEU A 101 7.94 -12.89 4.31
CA LEU A 101 7.22 -13.82 5.19
C LEU A 101 7.96 -15.16 5.40
N GLU A 102 8.52 -15.74 4.32
CA GLU A 102 9.28 -17.01 4.44
C GLU A 102 10.38 -16.85 5.48
N LYS A 103 11.00 -15.68 5.48
CA LYS A 103 11.98 -15.29 6.49
C LYS A 103 11.27 -14.73 7.73
N PRO B 11 -15.35 5.73 7.24
CA PRO B 11 -15.09 5.22 5.89
C PRO B 11 -15.84 3.92 5.62
N GLY B 12 -15.75 3.44 4.38
CA GLY B 12 -16.38 2.19 3.99
C GLY B 12 -15.35 1.08 3.96
N PHE B 13 -15.29 0.36 2.84
CA PHE B 13 -14.31 -0.69 2.72
C PHE B 13 -12.88 -0.15 2.52
N VAL B 15 -10.18 3.29 3.29
CA VAL B 15 -9.99 4.49 4.08
C VAL B 15 -9.36 5.61 3.25
N GLU B 16 -9.46 6.85 3.71
CA GLU B 16 -8.80 7.97 3.05
C GLU B 16 -7.40 8.15 3.62
N ALA B 17 -6.43 8.39 2.75
CA ALA B 17 -5.08 8.73 3.19
C ALA B 17 -5.02 10.16 3.71
N ASN B 18 -3.93 10.48 4.42
CA ASN B 18 -3.70 11.85 4.89
C ASN B 18 -3.68 12.82 3.70
#